data_1E6O
#
_entry.id   1E6O
#
_cell.length_a   36.680
_cell.length_b   81.900
_cell.length_c   134.400
_cell.angle_alpha   90.00
_cell.angle_beta   90.00
_cell.angle_gamma   90.00
#
_symmetry.space_group_name_H-M   'P 21 21 21'
#
loop_
_entity.id
_entity.type
_entity.pdbx_description
1 polymer 'IMMUNOGLOBULIN HEAVY CHAIN'
2 polymer 'IMMUNOGLOBULIN LIGHT CHAIN'
3 water water
#
loop_
_entity_poly.entity_id
_entity_poly.type
_entity_poly.pdbx_seq_one_letter_code
_entity_poly.pdbx_strand_id
1 'polypeptide(L)'
;EVQLQQSGAELARPGASVKMSCKASGYTFTSYTMHWVKQRPGQGLEWIGYINPSSGYSNYNQKFKDKATLTADKSSSTAY
MQLSSLTSEDSAVYYCSRPVVRLGYNFDYWGQGSTLTVSSAKTTPPSVYPLAPGSAAQTNSMVTLGCLVKGYFPEPVTVT
WNSGSLSSGVHTFPAVLQSDLYTLSSSVTVPSSTWPSETVTCNVAHPASSTKVDKKIVP
;
H
2 'polypeptide(L)'
;EIVLTQSPAITAASLGQKVTITCSASSSVSYMHWYQQKSGTSPKPWIYEISKLASGVPARFSGSGSGTSYSLTISSMEAE
DAAIYYCQQWNYPFTFGSGTKLEIKRADAAPTVSIFPPSSEQLTSGGASVVCFLNNFYPKDINVKWKIDGSERQNGVLNS
WTDQDSKDSTYSMSSTLTLTKDEYERHNSYTCEATHKTSTSPIVKSFNRNEC
;
L
#
# COMPACT_ATOMS: atom_id res chain seq x y z
N GLU A 1 -1.19 15.42 23.41
CA GLU A 1 -1.39 13.95 23.60
C GLU A 1 -2.72 13.47 23.02
N VAL A 2 -3.20 14.13 21.97
CA VAL A 2 -4.46 13.69 21.36
C VAL A 2 -4.18 12.39 20.62
N GLN A 3 -4.93 11.34 20.94
CA GLN A 3 -4.73 10.06 20.28
C GLN A 3 -6.04 9.37 19.95
N LEU A 4 -6.10 8.78 18.77
CA LEU A 4 -7.30 8.08 18.30
C LEU A 4 -6.90 6.64 17.97
N GLN A 5 -7.36 5.72 18.80
CA GLN A 5 -7.06 4.30 18.64
C GLN A 5 -8.26 3.57 18.03
N GLN A 6 -8.10 3.09 16.82
CA GLN A 6 -9.18 2.36 16.14
C GLN A 6 -9.08 0.86 16.36
N SER A 7 -10.21 0.17 16.14
CA SER A 7 -10.27 -1.28 16.30
C SER A 7 -9.49 -1.97 15.18
N GLY A 8 -9.25 -3.27 15.33
CA GLY A 8 -8.49 -4.01 14.33
C GLY A 8 -9.16 -4.38 13.02
N ALA A 9 -8.43 -5.10 12.16
CA ALA A 9 -8.96 -5.51 10.87
C ALA A 9 -10.23 -6.32 11.06
N GLU A 10 -11.16 -6.19 10.12
CA GLU A 10 -12.43 -6.90 10.17
C GLU A 10 -12.73 -7.68 8.90
N LEU A 11 -13.23 -8.89 9.07
CA LEU A 11 -13.64 -9.73 7.94
C LEU A 11 -15.12 -9.96 8.17
N ALA A 12 -15.94 -9.61 7.18
CA ALA A 12 -17.38 -9.76 7.31
C ALA A 12 -17.98 -10.36 6.04
N ARG A 13 -19.09 -11.08 6.20
CA ARG A 13 -19.74 -11.69 5.04
C ARG A 13 -20.67 -10.71 4.34
N PRO A 14 -20.89 -10.90 3.04
CA PRO A 14 -21.77 -9.99 2.31
C PRO A 14 -23.16 -10.05 2.94
N GLY A 15 -23.80 -8.89 3.10
CA GLY A 15 -25.12 -8.85 3.68
C GLY A 15 -25.11 -8.69 5.18
N ALA A 16 -23.95 -8.89 5.79
CA ALA A 16 -23.82 -8.75 7.23
C ALA A 16 -23.60 -7.29 7.61
N SER A 17 -23.36 -7.06 8.89
CA SER A 17 -23.11 -5.73 9.40
C SER A 17 -21.84 -5.81 10.25
N VAL A 18 -21.21 -4.66 10.47
CA VAL A 18 -20.00 -4.62 11.28
C VAL A 18 -19.96 -3.29 12.02
N LYS A 19 -19.29 -3.26 13.16
CA LYS A 19 -19.19 -2.04 13.95
C LYS A 19 -17.75 -1.80 14.36
N MET A 20 -17.16 -0.72 13.85
CA MET A 20 -15.78 -0.38 14.16
C MET A 20 -15.77 0.67 15.26
N SER A 21 -14.66 0.79 15.96
CA SER A 21 -14.57 1.77 17.02
C SER A 21 -13.35 2.67 16.89
N CYS A 22 -13.41 3.78 17.62
CA CYS A 22 -12.36 4.77 17.63
C CYS A 22 -12.31 5.33 19.04
N LYS A 23 -11.32 4.90 19.81
CA LYS A 23 -11.20 5.35 21.18
C LYS A 23 -10.30 6.59 21.27
N ALA A 24 -10.87 7.67 21.78
CA ALA A 24 -10.15 8.93 21.91
C ALA A 24 -9.60 9.13 23.31
N SER A 25 -8.53 9.91 23.39
CA SER A 25 -7.88 10.23 24.65
C SER A 25 -7.01 11.48 24.45
N GLY A 26 -6.68 12.16 25.55
CA GLY A 26 -5.85 13.33 25.43
C GLY A 26 -6.58 14.65 25.26
N TYR A 27 -7.90 14.62 25.27
CA TYR A 27 -8.70 15.83 25.13
C TYR A 27 -10.13 15.55 25.60
N THR A 28 -10.93 16.61 25.75
CA THR A 28 -12.31 16.45 26.19
C THR A 28 -13.13 15.92 25.01
N PHE A 29 -13.45 14.64 25.07
CA PHE A 29 -14.20 13.94 24.04
C PHE A 29 -15.48 14.63 23.55
N THR A 30 -16.31 15.09 24.47
CA THR A 30 -17.56 15.74 24.10
C THR A 30 -17.43 17.16 23.53
N SER A 31 -16.21 17.70 23.53
CA SER A 31 -16.00 19.05 23.01
C SER A 31 -15.66 19.12 21.53
N TYR A 32 -15.53 17.97 20.88
CA TYR A 32 -15.19 17.93 19.46
C TYR A 32 -15.97 16.85 18.73
N THR A 33 -16.28 17.10 17.46
CA THR A 33 -16.98 16.13 16.64
C THR A 33 -15.96 15.06 16.26
N MET A 34 -16.46 13.93 15.77
CA MET A 34 -15.61 12.84 15.32
C MET A 34 -16.12 12.48 13.93
N HIS A 35 -15.25 12.58 12.94
CA HIS A 35 -15.61 12.28 11.56
C HIS A 35 -15.01 10.96 11.11
N TRP A 36 -15.61 10.34 10.10
CA TRP A 36 -15.12 9.08 9.57
C TRP A 36 -14.88 9.22 8.08
N VAL A 37 -13.82 8.58 7.61
CA VAL A 37 -13.42 8.64 6.20
C VAL A 37 -13.17 7.24 5.64
N LYS A 38 -13.52 7.06 4.37
CA LYS A 38 -13.37 5.78 3.69
C LYS A 38 -12.32 5.86 2.58
N GLN A 39 -11.51 4.83 2.45
CA GLN A 39 -10.52 4.80 1.39
C GLN A 39 -10.47 3.40 0.81
N ARG A 40 -10.99 3.25 -0.40
CA ARG A 40 -11.02 1.95 -1.06
C ARG A 40 -9.64 1.57 -1.55
N PRO A 41 -9.36 0.26 -1.62
CA PRO A 41 -8.05 -0.21 -2.06
C PRO A 41 -7.59 0.37 -3.39
N GLY A 42 -6.46 1.07 -3.34
CA GLY A 42 -5.90 1.66 -4.53
C GLY A 42 -6.48 2.97 -5.01
N GLN A 43 -7.16 3.71 -4.15
CA GLN A 43 -7.71 4.98 -4.61
C GLN A 43 -7.94 6.09 -3.60
N GLY A 44 -8.79 7.04 -4.00
CA GLY A 44 -9.10 8.21 -3.19
C GLY A 44 -9.87 8.04 -1.89
N LEU A 45 -10.03 9.17 -1.23
CA LEU A 45 -10.72 9.24 0.06
C LEU A 45 -12.14 9.75 -0.08
N GLU A 46 -13.02 9.33 0.83
CA GLU A 46 -14.41 9.77 0.83
C GLU A 46 -14.84 10.05 2.26
N TRP A 47 -15.46 11.20 2.47
CA TRP A 47 -15.94 11.58 3.80
C TRP A 47 -17.31 10.92 3.99
N ILE A 48 -17.51 10.28 5.14
CA ILE A 48 -18.75 9.57 5.45
C ILE A 48 -19.77 10.38 6.27
N GLY A 49 -19.27 11.04 7.31
CA GLY A 49 -20.14 11.84 8.16
C GLY A 49 -19.50 12.11 9.51
N TYR A 50 -20.27 12.71 10.41
CA TYR A 50 -19.74 13.01 11.73
C TYR A 50 -20.77 12.77 12.82
N ILE A 51 -20.27 12.68 14.05
CA ILE A 51 -21.10 12.51 15.23
C ILE A 51 -20.59 13.59 16.17
N ASN A 52 -21.51 14.23 16.88
CA ASN A 52 -21.14 15.25 17.86
C ASN A 52 -21.47 14.55 19.18
N PRO A 53 -20.44 14.12 19.93
CA PRO A 53 -20.61 13.42 21.21
C PRO A 53 -21.33 14.19 22.29
N SER A 54 -21.39 15.51 22.17
CA SER A 54 -22.05 16.33 23.19
C SER A 54 -23.57 16.27 23.12
N SER A 55 -24.10 15.88 21.97
CA SER A 55 -25.54 15.83 21.80
C SER A 55 -26.04 14.55 21.15
N GLY A 56 -25.12 13.78 20.56
CA GLY A 56 -25.50 12.55 19.90
C GLY A 56 -25.99 12.81 18.49
N TYR A 57 -25.91 14.06 18.05
CA TYR A 57 -26.34 14.42 16.70
C TYR A 57 -25.35 13.95 15.65
N SER A 58 -25.86 13.48 14.52
CA SER A 58 -24.98 13.03 13.44
C SER A 58 -25.49 13.55 12.09
N ASN A 59 -24.56 13.77 11.18
CA ASN A 59 -24.87 14.25 9.83
C ASN A 59 -24.05 13.37 8.89
N TYR A 60 -24.67 12.95 7.78
CA TYR A 60 -24.00 12.06 6.85
C TYR A 60 -23.90 12.58 5.42
N ASN A 61 -22.92 12.03 4.71
CA ASN A 61 -22.73 12.32 3.31
C ASN A 61 -23.96 11.58 2.78
N GLN A 62 -24.69 12.19 1.85
CA GLN A 62 -25.89 11.57 1.30
C GLN A 62 -25.66 10.13 0.85
N LYS A 63 -24.49 9.88 0.28
CA LYS A 63 -24.12 8.55 -0.21
C LYS A 63 -24.07 7.47 0.86
N PHE A 64 -23.82 7.86 2.10
CA PHE A 64 -23.71 6.88 3.18
C PHE A 64 -24.91 6.81 4.14
N LYS A 65 -25.95 7.58 3.88
CA LYS A 65 -27.13 7.54 4.73
C LYS A 65 -27.73 6.14 4.64
N ASP A 66 -28.07 5.57 5.79
CA ASP A 66 -28.63 4.21 5.85
C ASP A 66 -27.60 3.13 5.54
N LYS A 67 -26.35 3.54 5.39
CA LYS A 67 -25.27 2.60 5.12
C LYS A 67 -24.42 2.59 6.37
N ALA A 68 -24.04 3.80 6.80
CA ALA A 68 -23.24 3.98 8.01
C ALA A 68 -24.12 4.56 9.11
N THR A 69 -23.88 4.12 10.33
CA THR A 69 -24.60 4.64 11.49
C THR A 69 -23.53 5.06 12.49
N LEU A 70 -23.49 6.36 12.82
CA LEU A 70 -22.47 6.84 13.75
C LEU A 70 -22.99 7.13 15.15
N THR A 71 -22.36 6.54 16.15
CA THR A 71 -22.75 6.75 17.54
C THR A 71 -21.52 7.06 18.39
N ALA A 72 -21.75 7.45 19.64
CA ALA A 72 -20.64 7.76 20.53
C ALA A 72 -21.00 7.43 21.97
N ASP A 73 -20.01 7.00 22.73
CA ASP A 73 -20.20 6.64 24.13
C ASP A 73 -19.33 7.56 24.99
N LYS A 74 -19.98 8.54 25.62
CA LYS A 74 -19.28 9.52 26.46
C LYS A 74 -18.45 8.91 27.59
N SER A 75 -18.99 7.88 28.25
CA SER A 75 -18.29 7.24 29.34
C SER A 75 -16.97 6.58 28.94
N SER A 76 -16.92 6.03 27.74
CA SER A 76 -15.70 5.37 27.26
C SER A 76 -14.95 6.21 26.23
N SER A 77 -15.41 7.44 26.03
CA SER A 77 -14.79 8.32 25.04
C SER A 77 -14.50 7.59 23.74
N THR A 78 -15.49 6.86 23.25
CA THR A 78 -15.33 6.10 22.01
C THR A 78 -16.40 6.40 20.98
N ALA A 79 -15.99 6.56 19.74
CA ALA A 79 -16.90 6.81 18.64
C ALA A 79 -17.07 5.48 17.92
N TYR A 80 -18.27 5.21 17.42
CA TYR A 80 -18.53 3.97 16.71
C TYR A 80 -19.15 4.21 15.34
N MET A 81 -18.86 3.29 14.42
CA MET A 81 -19.44 3.37 13.10
C MET A 81 -19.89 1.99 12.67
N GLN A 82 -21.20 1.85 12.48
CA GLN A 82 -21.78 0.59 12.05
C GLN A 82 -22.04 0.70 10.55
N LEU A 83 -21.76 -0.38 9.82
CA LEU A 83 -21.99 -0.43 8.39
C LEU A 83 -22.91 -1.63 8.19
N SER A 84 -24.03 -1.43 7.49
CA SER A 84 -24.98 -2.50 7.27
C SER A 84 -25.08 -2.94 5.81
N SER A 85 -25.77 -4.06 5.58
CA SER A 85 -25.95 -4.62 4.24
C SER A 85 -24.65 -4.54 3.44
N LEU A 86 -23.59 -5.10 4.01
CA LEU A 86 -22.27 -5.07 3.39
C LEU A 86 -22.16 -5.71 2.00
N THR A 87 -21.43 -5.05 1.13
CA THR A 87 -21.16 -5.50 -0.23
C THR A 87 -19.67 -5.35 -0.44
N SER A 88 -19.16 -5.88 -1.55
CA SER A 88 -17.74 -5.79 -1.85
C SER A 88 -17.27 -4.33 -1.94
N GLU A 89 -18.19 -3.44 -2.32
CA GLU A 89 -17.87 -2.02 -2.45
C GLU A 89 -17.55 -1.39 -1.08
N ASP A 90 -17.87 -2.12 -0.02
CA ASP A 90 -17.62 -1.65 1.34
C ASP A 90 -16.23 -2.02 1.84
N SER A 91 -15.53 -2.88 1.10
CA SER A 91 -14.19 -3.26 1.49
C SER A 91 -13.31 -2.04 1.31
N ALA A 92 -12.64 -1.64 2.40
CA ALA A 92 -11.79 -0.46 2.36
C ALA A 92 -11.15 -0.22 3.72
N VAL A 93 -10.39 0.86 3.81
CA VAL A 93 -9.80 1.25 5.07
C VAL A 93 -10.67 2.40 5.57
N TYR A 94 -11.04 2.38 6.84
CA TYR A 94 -11.86 3.42 7.43
C TYR A 94 -11.12 4.15 8.54
N TYR A 95 -11.11 5.48 8.48
CA TYR A 95 -10.43 6.26 9.51
C TYR A 95 -11.40 7.13 10.27
N CYS A 96 -11.03 7.46 11.50
CA CYS A 96 -11.81 8.41 12.28
C CYS A 96 -10.86 9.60 12.42
N SER A 97 -11.42 10.79 12.51
CA SER A 97 -10.61 11.99 12.64
C SER A 97 -11.39 12.96 13.50
N ARG A 98 -10.67 13.64 14.40
CA ARG A 98 -11.28 14.63 15.29
C ARG A 98 -10.80 16.00 14.85
N PRO A 99 -11.68 16.78 14.23
CA PRO A 99 -11.26 18.12 13.78
C PRO A 99 -11.49 19.21 14.82
N VAL A 100 -10.79 20.31 14.63
CA VAL A 100 -10.92 21.48 15.49
C VAL A 100 -11.56 22.49 14.55
N VAL A 101 -12.36 23.40 15.10
CA VAL A 101 -13.00 24.39 14.26
C VAL A 101 -12.30 25.74 14.30
N ARG A 102 -11.87 26.21 13.13
CA ARG A 102 -11.22 27.50 13.03
C ARG A 102 -12.00 28.26 11.98
N LEU A 103 -11.42 28.53 10.81
CA LEU A 103 -12.18 29.21 9.78
C LEU A 103 -13.14 28.17 9.23
N GLY A 104 -12.79 26.90 9.47
CA GLY A 104 -13.59 25.77 9.05
C GLY A 104 -13.03 24.58 9.80
N TYR A 105 -13.58 23.40 9.58
CA TYR A 105 -13.04 22.21 10.25
C TYR A 105 -11.60 22.03 9.81
N ASN A 106 -10.74 21.69 10.77
CA ASN A 106 -9.33 21.43 10.51
C ASN A 106 -9.15 20.02 11.09
N PHE A 107 -8.97 19.02 10.24
CA PHE A 107 -8.82 17.66 10.71
C PHE A 107 -7.40 17.36 11.14
N ASP A 108 -7.03 17.87 12.32
CA ASP A 108 -5.66 17.72 12.79
C ASP A 108 -5.24 16.39 13.40
N TYR A 109 -6.21 15.53 13.76
CA TYR A 109 -5.86 14.24 14.33
C TYR A 109 -6.62 13.12 13.65
N TRP A 110 -5.90 12.03 13.38
CA TRP A 110 -6.46 10.87 12.71
C TRP A 110 -6.11 9.56 13.41
N GLY A 111 -7.01 8.60 13.31
CA GLY A 111 -6.76 7.28 13.86
C GLY A 111 -5.87 6.55 12.86
N GLN A 112 -5.39 5.38 13.23
CA GLN A 112 -4.53 4.62 12.34
C GLN A 112 -5.28 3.87 11.24
N GLY A 113 -6.60 3.87 11.31
CA GLY A 113 -7.41 3.18 10.32
C GLY A 113 -7.73 1.72 10.63
N SER A 114 -8.90 1.28 10.16
CA SER A 114 -9.34 -0.10 10.34
C SER A 114 -9.70 -0.66 8.97
N THR A 115 -9.10 -1.80 8.60
CA THR A 115 -9.36 -2.39 7.30
C THR A 115 -10.54 -3.36 7.30
N LEU A 116 -11.50 -3.13 6.42
CA LEU A 116 -12.64 -4.03 6.33
C LEU A 116 -12.59 -4.84 5.04
N THR A 117 -12.74 -6.15 5.18
CA THR A 117 -12.76 -7.07 4.05
C THR A 117 -14.13 -7.75 4.00
N VAL A 118 -14.91 -7.47 2.97
CA VAL A 118 -16.22 -8.10 2.83
C VAL A 118 -16.05 -9.25 1.86
N SER A 119 -16.20 -10.47 2.37
CA SER A 119 -16.02 -11.66 1.54
C SER A 119 -16.63 -12.88 2.20
N SER A 120 -16.91 -13.90 1.39
CA SER A 120 -17.48 -15.14 1.90
C SER A 120 -16.37 -16.17 2.11
N ALA A 121 -15.12 -15.79 1.80
CA ALA A 121 -13.99 -16.70 1.95
C ALA A 121 -13.64 -16.88 3.42
N LYS A 122 -13.07 -18.04 3.75
CA LYS A 122 -12.70 -18.32 5.13
C LYS A 122 -11.22 -18.09 5.37
N THR A 123 -10.87 -17.83 6.62
CA THR A 123 -9.49 -17.58 7.01
C THR A 123 -8.63 -18.81 6.71
N THR A 124 -7.49 -18.57 6.09
CA THR A 124 -6.56 -19.63 5.72
C THR A 124 -5.13 -19.17 5.94
N PRO A 125 -4.30 -19.97 6.62
CA PRO A 125 -2.91 -19.60 6.89
C PRO A 125 -2.10 -19.66 5.58
N PRO A 126 -0.98 -18.92 5.52
CA PRO A 126 -0.16 -18.94 4.32
C PRO A 126 0.82 -20.11 4.35
N SER A 127 1.30 -20.49 3.17
CA SER A 127 2.31 -21.52 3.05
C SER A 127 3.49 -20.64 2.70
N VAL A 128 4.59 -20.78 3.42
CA VAL A 128 5.76 -19.95 3.15
C VAL A 128 6.87 -20.80 2.54
N TYR A 129 7.28 -20.47 1.32
CA TYR A 129 8.33 -21.23 0.65
C TYR A 129 9.60 -20.42 0.52
N PRO A 130 10.76 -21.07 0.69
CA PRO A 130 12.05 -20.40 0.57
C PRO A 130 12.42 -20.22 -0.89
N LEU A 131 12.93 -19.05 -1.24
CA LEU A 131 13.35 -18.78 -2.60
C LEU A 131 14.86 -18.64 -2.59
N ALA A 132 15.54 -19.74 -2.94
CA ALA A 132 17.00 -19.75 -2.96
C ALA A 132 17.48 -19.81 -4.41
N PRO A 133 18.62 -19.18 -4.71
CA PRO A 133 19.15 -19.17 -6.07
C PRO A 133 19.52 -20.56 -6.58
N GLY A 134 19.58 -20.69 -7.90
CA GLY A 134 19.92 -21.97 -8.49
C GLY A 134 21.27 -21.92 -9.19
N SER A 135 22.26 -21.30 -8.54
CA SER A 135 23.59 -21.18 -9.11
C SER A 135 23.56 -20.47 -10.46
N ALA A 136 23.53 -19.14 -10.42
CA ALA A 136 23.50 -18.34 -11.64
C ALA A 136 23.62 -16.86 -11.28
N ALA A 137 23.13 -16.50 -10.11
CA ALA A 137 23.19 -15.11 -9.65
C ALA A 137 24.55 -14.86 -9.02
N GLN A 138 25.37 -15.90 -8.96
CA GLN A 138 26.71 -15.81 -8.39
C GLN A 138 27.54 -14.77 -9.13
N THR A 139 27.31 -14.67 -10.44
CA THR A 139 28.04 -13.71 -11.27
C THR A 139 27.83 -12.29 -10.75
N ASN A 140 26.79 -12.13 -9.92
CA ASN A 140 26.47 -10.83 -9.35
C ASN A 140 27.08 -10.71 -7.96
N SER A 141 27.77 -9.60 -7.70
CA SER A 141 28.39 -9.37 -6.40
C SER A 141 27.35 -9.47 -5.28
N MET A 142 26.10 -9.24 -5.64
CA MET A 142 25.00 -9.29 -4.69
C MET A 142 24.11 -10.50 -4.98
N VAL A 143 23.65 -11.17 -3.93
CA VAL A 143 22.78 -12.32 -4.08
C VAL A 143 21.37 -11.94 -3.61
N THR A 144 20.37 -12.38 -4.36
CA THR A 144 18.99 -12.07 -4.01
C THR A 144 18.26 -13.32 -3.56
N LEU A 145 17.68 -13.25 -2.36
CA LEU A 145 16.92 -14.35 -1.80
C LEU A 145 15.49 -13.88 -1.67
N GLY A 146 14.60 -14.80 -1.29
CA GLY A 146 13.21 -14.42 -1.14
C GLY A 146 12.38 -15.45 -0.41
N CYS A 147 11.11 -15.11 -0.21
CA CYS A 147 10.15 -16.00 0.43
C CYS A 147 8.82 -15.76 -0.28
N LEU A 148 8.15 -16.86 -0.63
CA LEU A 148 6.85 -16.79 -1.29
C LEU A 148 5.83 -17.10 -0.21
N VAL A 149 4.96 -16.13 0.06
CA VAL A 149 3.92 -16.28 1.08
C VAL A 149 2.64 -16.51 0.29
N LYS A 150 2.31 -17.78 0.13
CA LYS A 150 1.21 -18.21 -0.71
C LYS A 150 -0.08 -18.75 -0.12
N GLY A 151 -1.19 -18.34 -0.76
CA GLY A 151 -2.52 -18.79 -0.40
C GLY A 151 -3.10 -18.51 0.97
N TYR A 152 -3.04 -17.26 1.41
CA TYR A 152 -3.61 -16.91 2.72
C TYR A 152 -4.81 -16.00 2.57
N PHE A 153 -5.56 -15.87 3.67
CA PHE A 153 -6.74 -15.00 3.69
C PHE A 153 -7.20 -14.85 5.13
N PRO A 154 -7.55 -13.62 5.54
CA PRO A 154 -7.52 -12.39 4.72
C PRO A 154 -6.19 -11.68 4.96
N GLU A 155 -6.11 -10.45 4.49
CA GLU A 155 -4.93 -9.62 4.71
C GLU A 155 -4.99 -9.22 6.18
N PRO A 156 -3.84 -8.82 6.76
CA PRO A 156 -2.54 -8.73 6.11
C PRO A 156 -1.57 -9.74 6.70
N VAL A 157 -0.34 -9.69 6.22
CA VAL A 157 0.73 -10.52 6.76
C VAL A 157 1.87 -9.53 6.94
N THR A 158 2.78 -9.83 7.84
CA THR A 158 3.93 -8.97 8.03
C THR A 158 5.13 -9.83 7.69
N VAL A 159 6.16 -9.21 7.12
CA VAL A 159 7.36 -9.93 6.77
C VAL A 159 8.59 -9.13 7.18
N THR A 160 9.50 -9.78 7.90
CA THR A 160 10.75 -9.15 8.29
C THR A 160 11.81 -10.17 7.90
N TRP A 161 13.08 -9.75 7.90
CA TRP A 161 14.16 -10.66 7.58
C TRP A 161 15.13 -10.62 8.74
N ASN A 162 15.50 -11.80 9.23
CA ASN A 162 16.40 -11.91 10.37
C ASN A 162 15.88 -11.03 11.52
N SER A 163 14.58 -11.14 11.74
CA SER A 163 13.87 -10.41 12.80
C SER A 163 14.15 -8.92 12.80
N GLY A 164 14.30 -8.34 11.62
CA GLY A 164 14.57 -6.92 11.52
C GLY A 164 16.02 -6.54 11.30
N SER A 165 16.94 -7.48 11.49
CA SER A 165 18.36 -7.17 11.32
C SER A 165 18.73 -6.88 9.87
N LEU A 166 17.88 -7.31 8.95
CA LEU A 166 18.10 -7.06 7.52
C LEU A 166 16.87 -6.30 7.04
N SER A 167 17.06 -5.05 6.65
CA SER A 167 15.93 -4.24 6.19
C SER A 167 16.26 -3.41 4.95
N SER A 168 17.52 -3.04 4.80
CA SER A 168 17.96 -2.21 3.68
C SER A 168 17.72 -2.74 2.26
N GLY A 169 18.15 -3.96 1.98
CA GLY A 169 17.97 -4.49 0.64
C GLY A 169 16.68 -5.29 0.47
N VAL A 170 15.68 -4.97 1.27
CA VAL A 170 14.40 -5.68 1.25
C VAL A 170 13.29 -5.04 0.41
N HIS A 171 12.57 -5.88 -0.35
CA HIS A 171 11.44 -5.46 -1.18
C HIS A 171 10.27 -6.40 -0.88
N THR A 172 9.28 -5.93 -0.14
CA THR A 172 8.13 -6.77 0.12
C THR A 172 7.02 -6.23 -0.77
N PHE A 173 6.55 -7.08 -1.68
CA PHE A 173 5.53 -6.72 -2.64
C PHE A 173 4.08 -6.79 -2.15
N PRO A 174 3.21 -5.95 -2.70
CA PRO A 174 1.79 -5.92 -2.32
C PRO A 174 1.17 -7.27 -2.68
N ALA A 175 0.37 -7.82 -1.78
CA ALA A 175 -0.26 -9.10 -2.05
C ALA A 175 -1.22 -8.98 -3.22
N VAL A 176 -1.40 -10.08 -3.96
CA VAL A 176 -2.31 -10.09 -5.09
C VAL A 176 -3.29 -11.23 -4.84
N LEU A 177 -4.53 -11.03 -5.24
CA LEU A 177 -5.56 -12.05 -5.04
C LEU A 177 -5.67 -13.01 -6.21
N GLN A 178 -5.54 -14.30 -5.93
CA GLN A 178 -5.66 -15.34 -6.95
C GLN A 178 -6.63 -16.39 -6.45
N SER A 179 -7.75 -16.55 -7.16
CA SER A 179 -8.76 -17.52 -6.77
C SER A 179 -9.19 -17.32 -5.33
N ASP A 180 -9.40 -16.06 -4.97
CA ASP A 180 -9.85 -15.70 -3.63
C ASP A 180 -8.85 -16.01 -2.51
N LEU A 181 -7.58 -16.09 -2.86
CA LEU A 181 -6.52 -16.31 -1.87
C LEU A 181 -5.40 -15.35 -2.20
N TYR A 182 -4.78 -14.79 -1.16
CA TYR A 182 -3.68 -13.85 -1.34
C TYR A 182 -2.34 -14.52 -1.45
N THR A 183 -1.49 -13.94 -2.30
CA THR A 183 -0.12 -14.42 -2.45
C THR A 183 0.77 -13.19 -2.56
N LEU A 184 1.87 -13.21 -1.85
CA LEU A 184 2.80 -12.10 -1.94
C LEU A 184 4.21 -12.66 -1.79
N SER A 185 5.18 -11.85 -2.16
CA SER A 185 6.55 -12.31 -2.07
C SER A 185 7.39 -11.19 -1.47
N SER A 186 8.54 -11.57 -0.92
CA SER A 186 9.45 -10.61 -0.36
C SER A 186 10.85 -11.05 -0.74
N SER A 187 11.65 -10.11 -1.22
CA SER A 187 13.01 -10.45 -1.59
C SER A 187 13.97 -9.62 -0.74
N VAL A 188 15.16 -10.16 -0.55
CA VAL A 188 16.20 -9.47 0.18
C VAL A 188 17.47 -9.70 -0.60
N THR A 189 18.24 -8.64 -0.79
CA THR A 189 19.49 -8.70 -1.53
C THR A 189 20.64 -8.39 -0.60
N VAL A 190 21.56 -9.32 -0.48
CA VAL A 190 22.72 -9.15 0.38
C VAL A 190 23.98 -9.52 -0.39
N PRO A 191 25.14 -9.09 0.10
CA PRO A 191 26.40 -9.40 -0.57
C PRO A 191 26.57 -10.92 -0.59
N SER A 192 27.16 -11.45 -1.66
CA SER A 192 27.37 -12.89 -1.77
C SER A 192 28.22 -13.40 -0.61
N SER A 193 28.92 -12.48 0.04
CA SER A 193 29.78 -12.84 1.17
C SER A 193 29.00 -12.96 2.47
N THR A 194 27.70 -12.67 2.42
CA THR A 194 26.83 -12.73 3.60
C THR A 194 26.05 -14.03 3.69
N TRP A 195 25.68 -14.58 2.53
CA TRP A 195 24.91 -15.83 2.48
C TRP A 195 25.51 -16.71 1.38
N PRO A 196 25.55 -18.03 1.60
CA PRO A 196 25.10 -18.85 2.75
C PRO A 196 25.99 -18.78 3.99
N SER A 197 27.07 -18.02 3.95
CA SER A 197 27.97 -17.93 5.10
C SER A 197 27.20 -17.69 6.41
N GLU A 198 26.22 -16.80 6.37
CA GLU A 198 25.42 -16.47 7.54
C GLU A 198 23.97 -16.87 7.29
N THR A 199 23.21 -17.05 8.37
CA THR A 199 21.80 -17.43 8.26
C THR A 199 20.90 -16.27 7.87
N VAL A 200 20.01 -16.53 6.92
CA VAL A 200 19.04 -15.55 6.45
C VAL A 200 17.68 -16.23 6.55
N THR A 201 16.80 -15.63 7.34
CA THR A 201 15.48 -16.19 7.56
C THR A 201 14.40 -15.14 7.37
N CYS A 202 13.27 -15.53 6.79
CA CYS A 202 12.19 -14.57 6.64
C CYS A 202 11.20 -14.87 7.77
N ASN A 203 10.77 -13.83 8.47
CA ASN A 203 9.82 -14.00 9.55
C ASN A 203 8.48 -13.52 9.02
N VAL A 204 7.54 -14.46 8.89
CA VAL A 204 6.22 -14.13 8.38
C VAL A 204 5.17 -14.35 9.45
N ALA A 205 4.29 -13.36 9.61
CA ALA A 205 3.22 -13.46 10.59
C ALA A 205 1.89 -13.20 9.90
N HIS A 206 0.87 -14.00 10.25
CA HIS A 206 -0.47 -13.83 9.70
C HIS A 206 -1.41 -13.83 10.90
N PRO A 207 -1.65 -12.66 11.48
CA PRO A 207 -2.53 -12.48 12.66
C PRO A 207 -3.87 -13.20 12.58
N ALA A 208 -4.58 -13.05 11.46
CA ALA A 208 -5.88 -13.68 11.30
C ALA A 208 -5.93 -15.18 11.64
N SER A 209 -4.83 -15.89 11.39
CA SER A 209 -4.78 -17.32 11.68
C SER A 209 -3.75 -17.60 12.77
N SER A 210 -3.36 -16.57 13.51
CA SER A 210 -2.39 -16.72 14.58
C SER A 210 -1.20 -17.56 14.12
N THR A 211 -0.72 -17.28 12.90
CA THR A 211 0.41 -18.01 12.35
C THR A 211 1.71 -17.24 12.42
N LYS A 212 2.77 -17.94 12.80
CA LYS A 212 4.11 -17.36 12.89
C LYS A 212 5.04 -18.32 12.17
N VAL A 213 5.76 -17.80 11.17
CA VAL A 213 6.69 -18.61 10.40
C VAL A 213 8.08 -17.99 10.32
N ASP A 214 9.10 -18.80 10.61
CA ASP A 214 10.48 -18.36 10.52
C ASP A 214 11.12 -19.33 9.54
N LYS A 215 11.14 -18.96 8.27
CA LYS A 215 11.67 -19.81 7.22
C LYS A 215 13.12 -19.48 6.86
N LYS A 216 14.03 -20.37 7.23
CA LYS A 216 15.44 -20.20 6.95
C LYS A 216 15.70 -20.48 5.47
N ILE A 217 16.54 -19.66 4.86
CA ILE A 217 16.87 -19.83 3.44
C ILE A 217 18.14 -20.65 3.32
N VAL A 218 17.97 -21.94 3.04
CA VAL A 218 19.09 -22.85 2.89
C VAL A 218 19.36 -23.13 1.41
N PRO A 219 20.64 -23.24 1.03
CA PRO A 219 20.99 -23.51 -0.38
C PRO A 219 20.33 -24.79 -0.89
N GLU B 1 -23.04 19.08 -7.66
CA GLU B 1 -21.87 18.29 -7.21
C GLU B 1 -20.57 18.99 -7.53
N ILE B 2 -19.69 19.11 -6.55
CA ILE B 2 -18.39 19.73 -6.77
C ILE B 2 -17.36 18.61 -6.89
N VAL B 3 -16.53 18.69 -7.93
CA VAL B 3 -15.51 17.70 -8.14
C VAL B 3 -14.14 18.37 -8.15
N LEU B 4 -13.20 17.79 -7.39
CA LEU B 4 -11.86 18.33 -7.28
C LEU B 4 -10.85 17.49 -8.07
N THR B 5 -10.30 18.06 -9.13
CA THR B 5 -9.33 17.35 -9.96
C THR B 5 -7.94 17.92 -9.69
N GLN B 6 -6.98 17.05 -9.42
CA GLN B 6 -5.62 17.49 -9.14
C GLN B 6 -4.68 17.17 -10.30
N SER B 7 -3.64 17.98 -10.44
CA SER B 7 -2.64 17.80 -11.48
C SER B 7 -1.30 18.29 -10.96
N PRO B 8 -0.21 17.61 -11.34
CA PRO B 8 -0.21 16.44 -12.21
C PRO B 8 -0.74 15.23 -11.43
N ALA B 9 -1.12 14.18 -12.14
CA ALA B 9 -1.60 12.97 -11.48
C ALA B 9 -0.38 12.31 -10.86
N ILE B 10 0.73 12.39 -11.58
CA ILE B 10 2.00 11.82 -11.12
C ILE B 10 3.15 12.61 -11.76
N THR B 11 4.25 12.78 -11.03
CA THR B 11 5.40 13.52 -11.54
C THR B 11 6.66 13.16 -10.73
N ALA B 12 7.80 13.12 -11.39
CA ALA B 12 9.05 12.81 -10.71
C ALA B 12 9.92 14.06 -10.62
N ALA B 13 10.08 14.57 -9.41
CA ALA B 13 10.88 15.77 -9.19
C ALA B 13 12.28 15.43 -8.70
N SER B 14 13.27 16.19 -9.16
CA SER B 14 14.65 15.98 -8.76
C SER B 14 14.86 16.73 -7.45
N LEU B 15 15.72 16.19 -6.59
CA LEU B 15 15.98 16.85 -5.31
C LEU B 15 16.48 18.27 -5.54
N GLY B 16 15.87 19.22 -4.86
CA GLY B 16 16.28 20.62 -4.99
C GLY B 16 15.42 21.43 -5.94
N GLN B 17 14.60 20.77 -6.75
CA GLN B 17 13.73 21.48 -7.70
C GLN B 17 12.47 22.02 -7.03
N LYS B 18 11.90 23.08 -7.59
CA LYS B 18 10.67 23.62 -7.05
C LYS B 18 9.58 22.72 -7.60
N VAL B 19 8.57 22.45 -6.78
CA VAL B 19 7.46 21.60 -7.20
C VAL B 19 6.15 22.30 -6.92
N THR B 20 5.26 22.31 -7.90
CA THR B 20 3.96 22.93 -7.73
C THR B 20 2.88 21.96 -8.18
N ILE B 21 1.92 21.69 -7.31
CA ILE B 21 0.82 20.81 -7.69
C ILE B 21 -0.45 21.60 -7.53
N THR B 22 -1.46 21.26 -8.31
CA THR B 22 -2.70 22.01 -8.28
C THR B 22 -3.96 21.18 -8.04
N CYS B 23 -5.00 21.89 -7.64
CA CYS B 23 -6.29 21.30 -7.34
C CYS B 23 -7.34 22.24 -7.94
N SER B 24 -8.11 21.72 -8.89
CA SER B 24 -9.14 22.51 -9.54
C SER B 24 -10.53 22.06 -9.07
N ALA B 25 -11.34 23.03 -8.66
CA ALA B 25 -12.69 22.74 -8.21
C ALA B 25 -13.66 22.97 -9.36
N SER B 26 -14.65 22.07 -9.51
CA SER B 26 -15.62 22.20 -10.58
C SER B 26 -16.33 23.54 -10.51
N SER B 27 -16.51 24.03 -9.28
CA SER B 27 -17.12 25.33 -9.04
C SER B 27 -16.36 25.96 -7.88
N SER B 28 -16.50 27.27 -7.71
CA SER B 28 -15.80 27.99 -6.65
C SER B 28 -16.00 27.47 -5.24
N VAL B 29 -14.92 27.45 -4.47
CA VAL B 29 -14.93 27.00 -3.09
C VAL B 29 -14.18 28.08 -2.29
N SER B 30 -14.59 28.34 -1.06
CA SER B 30 -13.95 29.37 -0.24
C SER B 30 -12.56 29.03 0.28
N TYR B 31 -12.37 27.80 0.74
CA TYR B 31 -11.08 27.38 1.27
C TYR B 31 -10.76 25.97 0.83
N MET B 32 -9.49 25.61 0.90
CA MET B 32 -9.06 24.28 0.51
C MET B 32 -7.98 23.80 1.47
N HIS B 33 -8.03 22.52 1.84
CA HIS B 33 -7.03 21.93 2.72
C HIS B 33 -6.20 20.97 1.89
N TRP B 34 -5.03 20.58 2.42
CA TRP B 34 -4.17 19.62 1.75
C TRP B 34 -3.74 18.54 2.74
N TYR B 35 -3.46 17.35 2.23
CA TYR B 35 -3.01 16.24 3.04
C TYR B 35 -1.87 15.52 2.35
N GLN B 36 -1.06 14.82 3.14
CA GLN B 36 0.05 14.05 2.60
C GLN B 36 -0.14 12.63 3.11
N GLN B 37 -0.08 11.67 2.21
CA GLN B 37 -0.24 10.28 2.61
C GLN B 37 0.88 9.43 2.04
N LYS B 38 1.50 8.65 2.93
CA LYS B 38 2.58 7.77 2.53
C LYS B 38 2.11 6.34 2.69
N SER B 39 2.45 5.51 1.72
CA SER B 39 2.06 4.10 1.69
C SER B 39 1.75 3.47 3.04
N GLY B 40 0.56 2.86 3.11
CA GLY B 40 0.13 2.17 4.31
C GLY B 40 -0.05 2.97 5.59
N THR B 41 -0.25 4.28 5.50
CA THR B 41 -0.44 5.08 6.70
C THR B 41 -1.58 6.07 6.52
N SER B 42 -2.15 6.52 7.63
CA SER B 42 -3.28 7.46 7.56
C SER B 42 -2.88 8.80 6.96
N PRO B 43 -3.80 9.45 6.26
CA PRO B 43 -3.45 10.75 5.68
C PRO B 43 -3.08 11.72 6.80
N LYS B 44 -2.09 12.56 6.55
CA LYS B 44 -1.66 13.53 7.53
C LYS B 44 -2.03 14.93 7.08
N PRO B 45 -2.71 15.70 7.95
CA PRO B 45 -3.07 17.06 7.54
C PRO B 45 -1.77 17.79 7.20
N TRP B 46 -1.77 18.52 6.08
CA TRP B 46 -0.56 19.21 5.65
C TRP B 46 -0.75 20.71 5.63
N ILE B 47 -1.87 21.16 5.06
CA ILE B 47 -2.18 22.58 4.99
C ILE B 47 -3.66 22.78 5.30
N TYR B 48 -3.97 23.82 6.07
CA TYR B 48 -5.34 24.13 6.40
C TYR B 48 -5.72 25.48 5.80
N GLU B 49 -6.98 25.62 5.43
CA GLU B 49 -7.50 26.87 4.93
C GLU B 49 -6.58 27.60 3.95
N ILE B 50 -6.28 26.91 2.85
CA ILE B 50 -5.45 27.42 1.77
C ILE B 50 -3.95 27.59 2.04
N SER B 51 -3.58 28.26 3.14
CA SER B 51 -2.17 28.52 3.38
C SER B 51 -1.54 28.29 4.77
N LYS B 52 -2.28 27.76 5.72
CA LYS B 52 -1.72 27.53 7.05
C LYS B 52 -1.12 26.14 7.17
N LEU B 53 0.18 26.08 7.49
CA LEU B 53 0.85 24.79 7.60
C LEU B 53 0.40 24.04 8.84
N ALA B 54 0.24 22.73 8.71
CA ALA B 54 -0.17 21.90 9.83
C ALA B 54 1.06 21.56 10.65
N SER B 55 0.86 20.93 11.80
CA SER B 55 1.97 20.54 12.64
C SER B 55 2.82 19.52 11.90
N GLY B 56 4.14 19.61 12.06
CA GLY B 56 5.04 18.68 11.41
C GLY B 56 5.36 18.97 9.95
N VAL B 57 4.91 20.12 9.46
CA VAL B 57 5.15 20.48 8.07
C VAL B 57 6.29 21.49 7.91
N PRO B 58 7.29 21.16 7.06
CA PRO B 58 8.46 22.00 6.78
C PRO B 58 8.08 23.31 6.10
N ALA B 59 8.84 24.36 6.39
CA ALA B 59 8.59 25.68 5.83
C ALA B 59 8.73 25.74 4.30
N ARG B 60 9.36 24.73 3.70
CA ARG B 60 9.51 24.74 2.25
C ARG B 60 8.18 24.54 1.54
N PHE B 61 7.15 24.17 2.28
CA PHE B 61 5.81 23.99 1.71
C PHE B 61 5.03 25.29 1.88
N SER B 62 4.17 25.57 0.92
CA SER B 62 3.33 26.76 0.99
C SER B 62 2.06 26.48 0.19
N GLY B 63 0.95 27.07 0.62
CA GLY B 63 -0.31 26.86 -0.07
C GLY B 63 -0.85 28.19 -0.52
N SER B 64 -1.60 28.19 -1.62
CA SER B 64 -2.17 29.42 -2.14
C SER B 64 -3.33 29.12 -3.06
N GLY B 65 -3.98 30.17 -3.54
CA GLY B 65 -5.10 30.00 -4.44
C GLY B 65 -6.39 30.61 -3.93
N SER B 66 -7.44 30.48 -4.73
CA SER B 66 -8.76 30.98 -4.40
C SER B 66 -9.75 30.52 -5.47
N GLY B 67 -11.05 30.62 -5.16
CA GLY B 67 -12.07 30.23 -6.11
C GLY B 67 -12.01 28.79 -6.57
N THR B 68 -11.71 28.59 -7.85
CA THR B 68 -11.65 27.25 -8.42
C THR B 68 -10.24 26.70 -8.62
N SER B 69 -9.24 27.38 -8.10
CA SER B 69 -7.88 26.89 -8.29
C SER B 69 -6.96 27.14 -7.10
N TYR B 70 -6.36 26.06 -6.60
CA TYR B 70 -5.44 26.15 -5.47
C TYR B 70 -4.17 25.38 -5.77
N SER B 71 -3.09 25.77 -5.11
CA SER B 71 -1.80 25.13 -5.33
C SER B 71 -1.00 24.89 -4.07
N LEU B 72 -0.19 23.85 -4.10
CA LEU B 72 0.71 23.50 -3.00
C LEU B 72 2.07 23.54 -3.68
N THR B 73 3.00 24.27 -3.07
CA THR B 73 4.32 24.42 -3.65
C THR B 73 5.44 24.06 -2.68
N ILE B 74 6.44 23.36 -3.19
CA ILE B 74 7.60 22.97 -2.38
C ILE B 74 8.75 23.78 -2.99
N SER B 75 9.27 24.74 -2.23
CA SER B 75 10.35 25.57 -2.76
C SER B 75 11.50 24.74 -3.30
N SER B 76 11.87 23.70 -2.56
CA SER B 76 12.97 22.82 -2.93
C SER B 76 12.70 21.37 -2.50
N MET B 77 12.50 20.50 -3.48
CA MET B 77 12.21 19.08 -3.23
C MET B 77 13.23 18.35 -2.37
N GLU B 78 12.73 17.62 -1.37
CA GLU B 78 13.60 16.81 -0.52
C GLU B 78 13.04 15.39 -0.55
N ALA B 79 13.92 14.40 -0.39
CA ALA B 79 13.51 13.00 -0.44
C ALA B 79 12.25 12.65 0.34
N GLU B 80 12.16 13.14 1.58
CA GLU B 80 11.01 12.87 2.44
C GLU B 80 9.71 13.46 1.91
N ASP B 81 9.80 14.27 0.87
CA ASP B 81 8.62 14.90 0.30
C ASP B 81 7.84 13.99 -0.63
N ALA B 82 8.47 12.90 -1.06
CA ALA B 82 7.83 11.94 -1.95
C ALA B 82 6.64 11.31 -1.24
N ALA B 83 5.46 11.45 -1.84
CA ALA B 83 4.23 10.91 -1.26
C ALA B 83 3.06 11.24 -2.18
N ILE B 84 1.85 10.96 -1.71
CA ILE B 84 0.65 11.28 -2.46
C ILE B 84 0.00 12.44 -1.72
N TYR B 85 -0.38 13.47 -2.46
CA TYR B 85 -1.01 14.64 -1.86
C TYR B 85 -2.45 14.77 -2.33
N TYR B 86 -3.33 15.05 -1.36
CA TYR B 86 -4.74 15.24 -1.65
C TYR B 86 -5.22 16.60 -1.17
N CYS B 87 -6.09 17.23 -1.96
CA CYS B 87 -6.67 18.49 -1.53
C CYS B 87 -8.06 18.10 -1.05
N GLN B 88 -8.70 18.99 -0.30
CA GLN B 88 -10.02 18.70 0.20
C GLN B 88 -10.85 19.96 0.38
N GLN B 89 -12.12 19.87 0.01
CA GLN B 89 -13.08 20.95 0.15
C GLN B 89 -13.18 21.24 1.66
N TRP B 90 -13.18 22.53 2.03
CA TRP B 90 -13.23 22.90 3.44
C TRP B 90 -14.55 22.64 4.17
N ASN B 91 -15.63 22.45 3.43
CA ASN B 91 -16.94 22.24 4.05
C ASN B 91 -17.72 21.06 3.43
N TYR B 92 -18.85 20.71 4.04
CA TYR B 92 -19.68 19.60 3.55
C TYR B 92 -19.81 19.61 2.02
N PRO B 93 -19.71 18.44 1.38
CA PRO B 93 -19.50 17.11 1.95
C PRO B 93 -18.02 16.73 2.11
N PHE B 94 -17.17 17.74 2.27
CA PHE B 94 -15.74 17.53 2.47
C PHE B 94 -15.08 16.64 1.41
N THR B 95 -15.44 16.88 0.15
CA THR B 95 -14.92 16.13 -0.97
C THR B 95 -13.39 16.19 -1.08
N PHE B 96 -12.77 15.06 -1.40
CA PHE B 96 -11.32 14.97 -1.55
C PHE B 96 -10.96 14.99 -3.03
N GLY B 97 -9.80 15.55 -3.34
CA GLY B 97 -9.33 15.60 -4.71
C GLY B 97 -8.85 14.24 -5.19
N SER B 98 -8.56 14.13 -6.48
CA SER B 98 -8.10 12.87 -7.07
C SER B 98 -6.70 12.44 -6.65
N GLY B 99 -5.94 13.36 -6.07
CA GLY B 99 -4.59 13.01 -5.63
C GLY B 99 -3.47 13.20 -6.63
N THR B 100 -2.29 13.52 -6.11
CA THR B 100 -1.08 13.72 -6.93
C THR B 100 0.05 12.88 -6.35
N LYS B 101 0.62 11.98 -7.14
CA LYS B 101 1.72 11.17 -6.65
C LYS B 101 3.04 11.82 -7.03
N LEU B 102 3.73 12.35 -6.02
CA LEU B 102 5.02 12.99 -6.21
C LEU B 102 6.13 12.00 -5.94
N GLU B 103 6.94 11.73 -6.96
CA GLU B 103 8.03 10.78 -6.82
C GLU B 103 9.36 11.49 -6.99
N ILE B 104 10.45 10.75 -6.77
CA ILE B 104 11.80 11.29 -6.90
C ILE B 104 12.41 10.91 -8.24
N LYS B 105 12.92 11.90 -8.96
CA LYS B 105 13.57 11.63 -10.23
C LYS B 105 15.01 11.22 -9.97
N ARG B 106 15.44 10.13 -10.60
CA ARG B 106 16.80 9.66 -10.45
C ARG B 106 17.26 9.11 -11.80
N ALA B 107 18.53 8.74 -11.89
CA ALA B 107 19.09 8.20 -13.12
C ALA B 107 18.46 6.87 -13.52
N ASP B 108 18.39 6.61 -14.84
CA ASP B 108 17.83 5.35 -15.33
C ASP B 108 18.66 4.20 -14.79
N ALA B 109 18.02 3.07 -14.55
CA ALA B 109 18.71 1.89 -14.05
C ALA B 109 18.03 0.65 -14.60
N ALA B 110 18.81 -0.27 -15.14
CA ALA B 110 18.25 -1.49 -15.69
C ALA B 110 17.90 -2.45 -14.56
N PRO B 111 16.88 -3.28 -14.75
CA PRO B 111 16.50 -4.23 -13.71
C PRO B 111 17.49 -5.37 -13.51
N THR B 112 17.64 -5.79 -12.27
CA THR B 112 18.50 -6.92 -11.95
C THR B 112 17.47 -8.03 -11.88
N VAL B 113 17.60 -9.03 -12.74
CA VAL B 113 16.64 -10.12 -12.77
C VAL B 113 17.14 -11.39 -12.07
N SER B 114 16.26 -11.98 -11.26
CA SER B 114 16.57 -13.21 -10.53
C SER B 114 15.41 -14.19 -10.72
N ILE B 115 15.73 -15.42 -11.13
CA ILE B 115 14.69 -16.41 -11.31
C ILE B 115 14.84 -17.51 -10.27
N PHE B 116 13.73 -18.01 -9.77
CA PHE B 116 13.75 -19.03 -8.74
C PHE B 116 12.92 -20.27 -9.04
N PRO B 117 13.59 -21.43 -9.10
CA PRO B 117 12.86 -22.69 -9.37
C PRO B 117 12.03 -22.99 -8.14
N PRO B 118 10.98 -23.82 -8.29
CA PRO B 118 10.14 -24.18 -7.15
C PRO B 118 10.99 -24.78 -6.03
N SER B 119 10.59 -24.54 -4.79
CA SER B 119 11.33 -25.08 -3.65
C SER B 119 11.02 -26.57 -3.46
N SER B 120 11.95 -27.28 -2.83
CA SER B 120 11.77 -28.70 -2.58
C SER B 120 10.48 -28.93 -1.81
N GLU B 121 10.25 -28.13 -0.78
CA GLU B 121 9.04 -28.29 0.02
C GLU B 121 7.74 -28.01 -0.73
N GLN B 122 7.75 -27.10 -1.69
CA GLN B 122 6.52 -26.86 -2.41
C GLN B 122 6.28 -28.06 -3.33
N LEU B 123 7.35 -28.53 -3.96
CA LEU B 123 7.25 -29.68 -4.86
C LEU B 123 6.73 -30.90 -4.09
N THR B 124 7.30 -31.11 -2.91
CA THR B 124 6.87 -32.24 -2.09
C THR B 124 5.36 -32.14 -1.80
N SER B 125 4.85 -30.92 -1.70
CA SER B 125 3.42 -30.73 -1.44
C SER B 125 2.59 -30.81 -2.71
N GLY B 126 3.26 -31.05 -3.83
CA GLY B 126 2.55 -31.17 -5.10
C GLY B 126 2.40 -29.90 -5.91
N GLY B 127 3.05 -28.82 -5.47
CA GLY B 127 2.95 -27.56 -6.19
C GLY B 127 4.25 -27.09 -6.81
N ALA B 128 4.17 -26.12 -7.73
CA ALA B 128 5.37 -25.63 -8.38
C ALA B 128 5.28 -24.19 -8.86
N SER B 129 5.67 -23.25 -8.00
CA SER B 129 5.66 -21.85 -8.36
C SER B 129 7.07 -21.42 -8.77
N VAL B 130 7.17 -20.73 -9.91
CA VAL B 130 8.45 -20.24 -10.40
C VAL B 130 8.38 -18.74 -10.17
N VAL B 131 9.37 -18.20 -9.47
CA VAL B 131 9.37 -16.78 -9.16
C VAL B 131 10.48 -16.00 -9.82
N CYS B 132 10.13 -14.77 -10.20
CA CYS B 132 11.08 -13.89 -10.84
C CYS B 132 10.98 -12.49 -10.25
N PHE B 133 12.12 -11.96 -9.83
CA PHE B 133 12.16 -10.60 -9.30
C PHE B 133 12.91 -9.72 -10.28
N LEU B 134 12.32 -8.55 -10.56
CA LEU B 134 12.93 -7.56 -11.44
C LEU B 134 13.13 -6.42 -10.46
N ASN B 135 14.34 -6.34 -9.91
CA ASN B 135 14.61 -5.35 -8.88
C ASN B 135 15.45 -4.13 -9.22
N ASN B 136 15.19 -3.07 -8.45
CA ASN B 136 15.88 -1.79 -8.52
C ASN B 136 16.10 -1.17 -9.89
N PHE B 137 15.02 -0.98 -10.64
CA PHE B 137 15.13 -0.36 -11.94
C PHE B 137 14.45 1.01 -11.92
N TYR B 138 14.68 1.80 -12.96
CA TYR B 138 14.08 3.13 -13.06
C TYR B 138 14.23 3.60 -14.51
N PRO B 139 13.18 4.20 -15.10
CA PRO B 139 11.85 4.51 -14.56
C PRO B 139 11.00 3.28 -14.21
N LYS B 140 9.79 3.53 -13.72
CA LYS B 140 8.88 2.48 -13.28
C LYS B 140 8.30 1.54 -14.34
N ASP B 141 8.12 2.03 -15.57
CA ASP B 141 7.53 1.21 -16.62
C ASP B 141 8.38 -0.03 -16.92
N ILE B 142 7.72 -1.17 -16.98
CA ILE B 142 8.42 -2.41 -17.27
C ILE B 142 7.46 -3.53 -17.67
N ASN B 143 7.98 -4.51 -18.41
CA ASN B 143 7.14 -5.60 -18.85
C ASN B 143 7.87 -6.93 -18.62
N VAL B 144 7.12 -7.95 -18.25
CA VAL B 144 7.73 -9.25 -18.03
C VAL B 144 7.07 -10.27 -18.94
N LYS B 145 7.86 -11.21 -19.43
CA LYS B 145 7.37 -12.25 -20.31
C LYS B 145 7.95 -13.59 -19.86
N TRP B 146 7.11 -14.62 -19.88
CA TRP B 146 7.52 -15.96 -19.49
C TRP B 146 7.48 -16.90 -20.67
N LYS B 147 8.49 -17.75 -20.77
CA LYS B 147 8.56 -18.75 -21.83
C LYS B 147 8.81 -20.12 -21.20
N ILE B 148 8.00 -21.09 -21.58
CA ILE B 148 8.14 -22.45 -21.09
C ILE B 148 8.52 -23.25 -22.33
N ASP B 149 9.70 -23.87 -22.30
CA ASP B 149 10.20 -24.62 -23.45
C ASP B 149 10.17 -23.73 -24.69
N GLY B 150 10.52 -22.46 -24.50
CA GLY B 150 10.55 -21.52 -25.61
C GLY B 150 9.24 -20.91 -26.06
N SER B 151 8.13 -21.27 -25.42
CA SER B 151 6.81 -20.73 -25.79
C SER B 151 6.31 -19.71 -24.79
N GLU B 152 6.00 -18.50 -25.27
CA GLU B 152 5.51 -17.46 -24.38
C GLU B 152 4.18 -17.86 -23.75
N ARG B 153 4.08 -17.71 -22.43
CA ARG B 153 2.85 -18.06 -21.72
C ARG B 153 2.09 -16.82 -21.27
N GLN B 154 0.88 -16.65 -21.79
CA GLN B 154 0.03 -15.52 -21.44
C GLN B 154 -1.01 -15.89 -20.39
N ASN B 155 -1.49 -14.89 -19.66
CA ASN B 155 -2.50 -15.06 -18.62
C ASN B 155 -2.30 -16.34 -17.80
N GLY B 156 -1.72 -16.17 -16.62
CA GLY B 156 -1.47 -17.29 -15.74
C GLY B 156 -0.26 -16.98 -14.88
N VAL B 157 -0.04 -15.69 -14.69
CA VAL B 157 1.09 -15.20 -13.91
C VAL B 157 0.64 -14.05 -13.01
N LEU B 158 1.07 -14.09 -11.74
CA LEU B 158 0.73 -13.06 -10.77
C LEU B 158 1.84 -12.03 -10.68
N ASN B 159 1.52 -10.79 -11.04
CA ASN B 159 2.48 -9.69 -11.02
C ASN B 159 2.17 -8.67 -9.92
N SER B 160 3.22 -8.16 -9.28
CA SER B 160 3.06 -7.17 -8.23
C SER B 160 4.20 -6.17 -8.33
N TRP B 161 3.92 -4.93 -7.95
CA TRP B 161 4.92 -3.87 -8.05
C TRP B 161 5.05 -3.10 -6.74
N THR B 162 6.27 -2.71 -6.39
CA THR B 162 6.48 -1.94 -5.17
C THR B 162 6.47 -0.47 -5.52
N ASP B 163 6.32 0.37 -4.51
CA ASP B 163 6.34 1.80 -4.73
C ASP B 163 7.83 2.16 -4.71
N GLN B 164 8.13 3.39 -5.06
CA GLN B 164 9.52 3.84 -5.09
C GLN B 164 10.25 3.52 -3.79
N ASP B 165 11.46 2.98 -3.91
CA ASP B 165 12.26 2.62 -2.75
C ASP B 165 12.71 3.84 -1.95
N SER B 166 12.39 3.84 -0.67
CA SER B 166 12.75 4.94 0.22
C SER B 166 14.25 5.19 0.28
N LYS B 167 15.05 4.21 -0.16
CA LYS B 167 16.50 4.36 -0.13
C LYS B 167 17.19 4.76 -1.44
N ASP B 168 17.01 4.00 -2.50
CA ASP B 168 17.65 4.33 -3.76
C ASP B 168 16.70 4.85 -4.84
N SER B 169 15.46 5.10 -4.45
CA SER B 169 14.43 5.62 -5.34
C SER B 169 14.12 4.80 -6.58
N THR B 170 14.46 3.51 -6.55
CA THR B 170 14.17 2.64 -7.68
C THR B 170 12.82 1.93 -7.48
N TYR B 171 12.46 1.10 -8.45
CA TYR B 171 11.22 0.33 -8.41
C TYR B 171 11.59 -1.14 -8.55
N SER B 172 10.68 -2.01 -8.11
CA SER B 172 10.91 -3.45 -8.23
C SER B 172 9.60 -4.10 -8.59
N MET B 173 9.68 -5.28 -9.19
CA MET B 173 8.50 -6.03 -9.61
C MET B 173 8.73 -7.51 -9.36
N SER B 174 7.65 -8.22 -9.03
CA SER B 174 7.70 -9.65 -8.77
C SER B 174 6.71 -10.30 -9.72
N SER B 175 7.12 -11.39 -10.35
CA SER B 175 6.26 -12.12 -11.28
C SER B 175 6.30 -13.59 -10.91
N THR B 176 5.12 -14.17 -10.69
CA THR B 176 5.05 -15.57 -10.29
C THR B 176 4.23 -16.44 -11.21
N LEU B 177 4.85 -17.51 -11.68
CA LEU B 177 4.20 -18.47 -12.57
C LEU B 177 3.82 -19.65 -11.67
N THR B 178 2.52 -19.86 -11.47
CA THR B 178 2.07 -20.93 -10.60
C THR B 178 1.59 -22.15 -11.38
N LEU B 179 2.25 -23.27 -11.13
CA LEU B 179 1.92 -24.52 -11.80
C LEU B 179 1.79 -25.64 -10.78
N THR B 180 1.38 -26.81 -11.26
CA THR B 180 1.28 -27.99 -10.41
C THR B 180 2.61 -28.68 -10.62
N LYS B 181 2.98 -29.57 -9.70
CA LYS B 181 4.22 -30.32 -9.82
C LYS B 181 4.22 -31.01 -11.18
N ASP B 182 3.05 -31.54 -11.56
CA ASP B 182 2.89 -32.23 -12.83
C ASP B 182 3.16 -31.31 -14.01
N GLU B 183 2.52 -30.15 -14.03
CA GLU B 183 2.71 -29.20 -15.11
C GLU B 183 4.18 -28.81 -15.21
N TYR B 184 4.78 -28.53 -14.07
CA TYR B 184 6.19 -28.16 -14.01
C TYR B 184 7.09 -29.24 -14.61
N GLU B 185 6.85 -30.50 -14.24
CA GLU B 185 7.67 -31.60 -14.74
C GLU B 185 7.40 -31.94 -16.21
N ARG B 186 6.30 -31.41 -16.73
CA ARG B 186 5.90 -31.63 -18.12
C ARG B 186 6.95 -31.03 -19.06
N HIS B 187 7.50 -29.89 -18.66
CA HIS B 187 8.51 -29.19 -19.46
C HIS B 187 9.86 -29.10 -18.74
N ASN B 188 10.86 -28.54 -19.42
CA ASN B 188 12.19 -28.46 -18.81
C ASN B 188 12.79 -27.06 -18.76
N SER B 189 12.42 -26.20 -19.72
CA SER B 189 12.97 -24.85 -19.77
C SER B 189 12.02 -23.75 -19.30
N TYR B 190 12.50 -22.94 -18.35
CA TYR B 190 11.72 -21.84 -17.81
C TYR B 190 12.52 -20.56 -17.92
N THR B 191 11.89 -19.54 -18.50
CA THR B 191 12.56 -18.28 -18.74
C THR B 191 11.73 -17.08 -18.35
N CYS B 192 12.39 -16.12 -17.72
CA CYS B 192 11.76 -14.86 -17.29
C CYS B 192 12.47 -13.78 -18.09
N GLU B 193 11.72 -12.99 -18.84
CA GLU B 193 12.33 -11.94 -19.65
C GLU B 193 11.78 -10.55 -19.30
N ALA B 194 12.68 -9.66 -18.92
CA ALA B 194 12.28 -8.31 -18.56
C ALA B 194 12.70 -7.30 -19.62
N THR B 195 11.76 -6.46 -20.03
CA THR B 195 12.06 -5.43 -21.01
C THR B 195 11.81 -4.08 -20.35
N HIS B 196 12.87 -3.27 -20.32
CA HIS B 196 12.84 -1.96 -19.71
C HIS B 196 13.34 -0.99 -20.79
N LYS B 197 13.08 0.30 -20.61
CA LYS B 197 13.52 1.27 -21.61
C LYS B 197 15.04 1.37 -21.71
N THR B 198 15.73 0.89 -20.68
CA THR B 198 17.20 0.94 -20.65
C THR B 198 17.85 0.07 -21.71
N SER B 199 17.07 -0.76 -22.40
CA SER B 199 17.64 -1.60 -23.45
C SER B 199 16.58 -2.22 -24.36
N THR B 200 16.93 -2.35 -25.63
CA THR B 200 16.01 -2.94 -26.61
C THR B 200 16.11 -4.45 -26.45
N SER B 201 17.15 -4.88 -25.74
CA SER B 201 17.39 -6.29 -25.46
C SER B 201 16.78 -6.67 -24.13
N PRO B 202 15.91 -7.69 -24.11
CA PRO B 202 15.31 -8.08 -22.82
C PRO B 202 16.37 -8.72 -21.93
N ILE B 203 16.25 -8.53 -20.62
CA ILE B 203 17.19 -9.14 -19.70
C ILE B 203 16.56 -10.50 -19.41
N VAL B 204 17.25 -11.56 -19.80
CA VAL B 204 16.75 -12.91 -19.64
C VAL B 204 17.41 -13.74 -18.56
N LYS B 205 16.59 -14.44 -17.79
CA LYS B 205 17.10 -15.34 -16.76
C LYS B 205 16.35 -16.63 -17.01
N SER B 206 17.06 -17.76 -16.97
CA SER B 206 16.44 -19.05 -17.21
C SER B 206 17.10 -20.14 -16.42
N PHE B 207 16.43 -21.29 -16.37
CA PHE B 207 16.97 -22.47 -15.69
C PHE B 207 16.29 -23.68 -16.32
N ASN B 208 16.96 -24.81 -16.21
CA ASN B 208 16.41 -26.06 -16.73
C ASN B 208 16.09 -26.89 -15.50
N ARG B 209 14.90 -27.47 -15.49
CA ARG B 209 14.43 -28.30 -14.39
C ARG B 209 15.38 -29.48 -14.16
N ASN B 210 15.85 -30.06 -15.25
CA ASN B 210 16.76 -31.20 -15.17
C ASN B 210 18.16 -30.77 -15.60
#